data_3RZK
#
_entry.id   3RZK
#
_cell.length_a   78.591
_cell.length_b   78.591
_cell.length_c   228.881
_cell.angle_alpha   90.00
_cell.angle_beta   90.00
_cell.angle_gamma   120.00
#
_symmetry.space_group_name_H-M   'P 65 2 2'
#
loop_
_entity.id
_entity.type
_entity.pdbx_description
1 polymer 'Alpha-ketoglutarate-dependent dioxygenase alkB homolog 2'
2 polymer "5'-D(*CP*TP*GP*TP*CP*TP*(EDA)P*AP*CP*TP*GP*CP*G)-3'"
3 polymer "5'-D(*TP*CP*GP*CP*AP*GP*TP*TP*AP*GP*AP*CP*A)-3'"
4 non-polymer 'MANGANESE (II) ION'
5 non-polymer '2-OXOGLUTARIC ACID'
6 non-polymer propane-1-thiol
7 water water
#
loop_
_entity_poly.entity_id
_entity_poly.type
_entity_poly.pdbx_seq_one_letter_code
_entity_poly.pdbx_strand_id
1 'polypeptide(L)'
;GSHSWRHIRAEGLDSSYTVLFGKAEADEIFQELEKEVEYFTGALARVQVFGKWHSVPRKQATYGDAGLTYTFSGLTLSPK
PWIPVLERIRDHVSGVTGQTFNFVLINRYKDGSDHICEHRDDERELAPGSPIASVSFGASRDFVFRHKDSRGKSPSRRVA
VVRLPLAHGSLLMMNHPTNTHWYHSLPVRKKVLAPRVNLTFRKILLTKK
;
A
2 'polydeoxyribonucleotide' (DC)(DT)(DG)(DT)(DC)(DT)(EDA)(DA)(DC)(DT)(DG)(DC)(DG) B
3 'polydeoxyribonucleotide' (DT)(DC)(DG)(DC)(DA)(DG)(DT)(DT)(DA)(DG)(DA)(DC)(DA) C
#
loop_
_chem_comp.id
_chem_comp.type
_chem_comp.name
_chem_comp.formula
AKG non-polymer '2-OXOGLUTARIC ACID' 'C5 H6 O5'
DA DNA linking 2'-DEOXYADENOSINE-5'-MONOPHOSPHATE 'C10 H14 N5 O6 P'
DC DNA linking 2'-DEOXYCYTIDINE-5'-MONOPHOSPHATE 'C9 H14 N3 O7 P'
DG DNA linking 2'-DEOXYGUANOSINE-5'-MONOPHOSPHATE 'C10 H14 N5 O7 P'
DT DNA linking THYMIDINE-5'-MONOPHOSPHATE 'C10 H15 N2 O8 P'
EDA DNA linking 3-[2-DEOXY-RIBOFURANOSYL]-3H-1,3,4,5A,8-PENTAAZA-AS-INDACENE-5'-MONOPHOSPHATE 'C12 H14 N5 O6 P'
MN non-polymer 'MANGANESE (II) ION' 'Mn 2'
XL3 non-polymer propane-1-thiol 'C3 H8 S'
#
# COMPACT_ATOMS: atom_id res chain seq x y z
N HIS A 3 9.79 -6.21 -16.53
CA HIS A 3 10.12 -5.38 -17.74
C HIS A 3 8.87 -4.78 -18.37
N SER A 4 9.04 -3.73 -19.20
CA SER A 4 7.94 -2.99 -19.83
C SER A 4 6.92 -2.21 -18.97
N TRP A 5 7.44 -1.44 -18.03
CA TRP A 5 6.66 -0.73 -17.02
C TRP A 5 5.86 0.39 -17.67
N ARG A 6 4.70 0.70 -17.11
CA ARG A 6 4.06 1.99 -17.41
C ARG A 6 4.64 3.02 -16.45
N HIS A 7 5.31 4.03 -17.00
CA HIS A 7 5.94 5.06 -16.18
C HIS A 7 5.00 6.21 -15.89
N ILE A 8 4.67 6.38 -14.62
CA ILE A 8 3.87 7.52 -14.17
C ILE A 8 4.84 8.63 -13.79
N ARG A 9 4.83 9.72 -14.55
CA ARG A 9 5.73 10.82 -14.28
C ARG A 9 5.02 12.16 -14.37
N ALA A 10 5.27 12.99 -13.37
CA ALA A 10 4.79 14.37 -13.33
C ALA A 10 5.71 15.16 -12.40
N GLU A 11 5.40 16.43 -12.16
CA GLU A 11 6.26 17.30 -11.36
C GLU A 11 6.36 16.72 -9.94
N GLY A 12 7.56 16.26 -9.58
CA GLY A 12 7.80 15.67 -8.27
C GLY A 12 7.15 14.31 -8.08
N LEU A 13 6.80 13.66 -9.19
CA LEU A 13 6.12 12.37 -9.17
C LEU A 13 6.85 11.39 -10.08
N ASP A 14 7.39 10.33 -9.49
CA ASP A 14 8.02 9.25 -10.24
C ASP A 14 7.47 7.93 -9.73
N SER A 15 6.71 7.26 -10.58
CA SER A 15 6.13 5.97 -10.24
C SER A 15 6.12 5.04 -11.44
N SER A 16 5.88 3.76 -11.20
CA SER A 16 5.80 2.78 -12.27
C SER A 16 4.88 1.62 -11.95
N TYR A 17 4.15 1.16 -12.96
CA TYR A 17 3.13 0.15 -12.80
C TYR A 17 3.35 -1.01 -13.75
N THR A 18 3.29 -2.23 -13.21
CA THR A 18 3.40 -3.41 -14.04
C THR A 18 2.57 -4.55 -13.46
N VAL A 19 2.10 -5.43 -14.33
CA VAL A 19 1.38 -6.61 -13.92
C VAL A 19 2.44 -7.69 -13.72
N LEU A 20 2.41 -8.37 -12.56
CA LEU A 20 3.42 -9.36 -12.22
C LEU A 20 2.97 -10.78 -12.53
N PHE A 21 1.68 -11.04 -12.36
CA PHE A 21 1.16 -12.39 -12.46
C PHE A 21 -0.06 -12.46 -13.37
N GLY A 22 -0.32 -13.63 -13.93
CA GLY A 22 -1.55 -13.89 -14.67
C GLY A 22 -2.68 -14.21 -13.71
N LYS A 23 -3.88 -14.41 -14.26
CA LYS A 23 -5.05 -14.70 -13.47
C LYS A 23 -4.90 -15.96 -12.61
N ALA A 24 -4.41 -17.04 -13.22
CA ALA A 24 -4.30 -18.30 -12.51
C ALA A 24 -3.37 -18.18 -11.29
N GLU A 25 -2.21 -17.56 -11.48
CA GLU A 25 -1.26 -17.42 -10.40
C GLU A 25 -1.81 -16.49 -9.34
N ALA A 26 -2.21 -15.30 -9.75
CA ALA A 26 -2.68 -14.29 -8.81
C ALA A 26 -3.89 -14.78 -7.98
N ASP A 27 -4.78 -15.55 -8.61
CA ASP A 27 -5.91 -16.19 -7.91
C ASP A 27 -5.42 -17.10 -6.80
N GLU A 28 -4.36 -17.85 -7.08
CA GLU A 28 -3.74 -18.76 -6.13
C GLU A 28 -3.11 -18.02 -4.94
N ILE A 29 -2.42 -16.92 -5.21
CA ILE A 29 -1.82 -16.12 -4.15
C ILE A 29 -2.90 -15.45 -3.32
N PHE A 30 -3.94 -14.94 -3.98
CA PHE A 30 -5.05 -14.30 -3.30
C PHE A 30 -5.72 -15.24 -2.31
N GLN A 31 -6.02 -16.47 -2.74
CA GLN A 31 -6.59 -17.47 -1.84
C GLN A 31 -5.70 -17.67 -0.63
N GLU A 32 -4.39 -17.77 -0.86
CA GLU A 32 -3.46 -18.05 0.22
C GLU A 32 -3.41 -16.89 1.21
N LEU A 33 -3.34 -15.66 0.70
CA LEU A 33 -3.44 -14.47 1.53
C LEU A 33 -4.72 -14.50 2.40
N GLU A 34 -5.86 -14.80 1.78
CA GLU A 34 -7.13 -14.86 2.48
C GLU A 34 -7.12 -15.90 3.60
N LYS A 35 -6.52 -17.04 3.31
CA LYS A 35 -6.44 -18.13 4.28
C LYS A 35 -5.45 -17.82 5.39
N GLU A 36 -4.37 -17.11 5.09
CA GLU A 36 -3.21 -17.07 5.99
C GLU A 36 -2.93 -15.78 6.78
N VAL A 37 -3.35 -14.62 6.25
CA VAL A 37 -3.07 -13.34 6.89
C VAL A 37 -4.00 -13.08 8.10
N GLU A 38 -3.40 -12.69 9.23
CA GLU A 38 -4.12 -12.29 10.44
C GLU A 38 -4.13 -10.77 10.60
N TYR A 39 -5.29 -10.20 10.86
CA TYR A 39 -5.43 -8.75 10.91
C TYR A 39 -5.67 -8.24 12.32
N PHE A 40 -5.14 -7.06 12.59
CA PHE A 40 -5.34 -6.39 13.86
C PHE A 40 -6.81 -6.04 14.08
N THR A 41 -7.25 -6.18 15.33
CA THR A 41 -8.62 -5.90 15.72
C THR A 41 -8.63 -4.91 16.88
N GLY A 42 -9.83 -4.53 17.33
CA GLY A 42 -10.01 -3.65 18.49
C GLY A 42 -9.10 -2.43 18.59
N ALA A 43 -8.26 -2.41 19.62
CA ALA A 43 -7.43 -1.24 19.95
C ALA A 43 -6.38 -0.91 18.90
N LEU A 44 -5.99 -1.92 18.13
CA LEU A 44 -4.96 -1.79 17.12
C LEU A 44 -5.56 -1.53 15.74
N ALA A 45 -6.87 -1.28 15.72
CA ALA A 45 -7.59 -0.97 14.49
C ALA A 45 -8.16 0.46 14.55
N ARG A 46 -7.70 1.25 15.50
CA ARG A 46 -8.21 2.61 15.68
C ARG A 46 -7.10 3.64 15.50
N VAL A 47 -7.43 4.73 14.81
CA VAL A 47 -6.49 5.83 14.59
C VAL A 47 -7.09 7.15 15.05
N GLN A 48 -6.22 8.15 15.23
CA GLN A 48 -6.64 9.49 15.64
C GLN A 48 -6.40 10.51 14.53
N VAL A 49 -7.49 11.06 14.00
CA VAL A 49 -7.46 12.04 12.92
C VAL A 49 -8.48 13.14 13.24
N PHE A 50 -8.09 14.39 12.96
CA PHE A 50 -8.86 15.59 13.33
C PHE A 50 -9.44 15.55 14.73
N GLY A 51 -8.62 15.22 15.72
CA GLY A 51 -9.03 15.26 17.12
C GLY A 51 -9.91 14.10 17.55
N LYS A 52 -10.32 13.26 16.61
CA LYS A 52 -11.26 12.16 16.86
C LYS A 52 -10.59 10.82 16.64
N TRP A 53 -11.03 9.82 17.41
CA TRP A 53 -10.61 8.43 17.20
C TRP A 53 -11.62 7.69 16.32
N HIS A 54 -11.12 7.03 15.28
CA HIS A 54 -11.99 6.30 14.36
C HIS A 54 -11.50 4.87 14.17
N SER A 55 -12.43 3.93 14.08
CA SER A 55 -12.10 2.59 13.60
C SER A 55 -11.73 2.80 12.14
N VAL A 56 -10.83 1.98 11.62
CA VAL A 56 -10.43 2.14 10.24
C VAL A 56 -11.42 1.44 9.32
N PRO A 57 -11.76 2.07 8.18
CA PRO A 57 -12.72 1.48 7.25
C PRO A 57 -12.08 0.42 6.35
N ARG A 58 -11.56 -0.65 6.95
CA ARG A 58 -10.78 -1.68 6.28
C ARG A 58 -10.09 -2.51 7.35
N LYS A 59 -9.26 -3.45 6.93
CA LYS A 59 -8.43 -4.21 7.87
C LYS A 59 -6.95 -4.02 7.55
N GLN A 60 -6.12 -4.08 8.57
CA GLN A 60 -4.68 -3.88 8.41
C GLN A 60 -3.91 -4.99 9.09
N ALA A 61 -2.73 -5.27 8.56
CA ALA A 61 -1.80 -6.22 9.16
C ALA A 61 -0.39 -5.76 8.87
N THR A 62 0.54 -6.13 9.74
CA THR A 62 1.94 -5.83 9.52
C THR A 62 2.78 -7.08 9.79
N TYR A 63 3.66 -7.38 8.83
CA TYR A 63 4.64 -8.44 9.00
C TYR A 63 6.01 -7.83 8.72
N GLY A 64 7.06 -8.49 9.23
CA GLY A 64 8.42 -8.01 9.01
C GLY A 64 9.44 -8.53 9.99
N ASP A 65 10.68 -8.10 9.82
CA ASP A 65 11.80 -8.54 10.67
C ASP A 65 11.57 -8.14 12.13
N ALA A 66 11.95 -9.04 13.05
CA ALA A 66 11.71 -8.85 14.47
C ALA A 66 12.28 -7.54 15.04
N GLY A 67 11.63 -7.02 16.08
CA GLY A 67 12.07 -5.80 16.77
C GLY A 67 11.56 -4.47 16.21
N LEU A 68 11.10 -4.49 14.95
CA LEU A 68 10.63 -3.26 14.29
C LEU A 68 9.25 -2.79 14.77
N THR A 69 8.85 -1.59 14.34
CA THR A 69 7.53 -1.00 14.62
C THR A 69 7.23 0.09 13.59
N TYR A 70 5.94 0.31 13.35
CA TYR A 70 5.51 1.37 12.44
C TYR A 70 4.37 2.16 13.06
N THR A 71 4.39 3.47 12.85
CA THR A 71 3.43 4.36 13.48
C THR A 71 2.87 5.39 12.52
N PHE A 72 1.55 5.41 12.39
CA PHE A 72 0.87 6.51 11.71
C PHE A 72 -0.45 6.82 12.41
N SER A 73 -0.76 8.12 12.53
CA SER A 73 -2.03 8.57 13.08
C SER A 73 -2.28 8.02 14.50
N GLY A 74 -1.29 8.18 15.37
CA GLY A 74 -1.40 7.79 16.77
C GLY A 74 -1.65 6.30 16.98
N LEU A 75 -1.28 5.50 15.99
CA LEU A 75 -1.40 4.05 16.11
C LEU A 75 -0.05 3.42 15.79
N THR A 76 0.43 2.59 16.71
CA THR A 76 1.72 1.91 16.59
C THR A 76 1.51 0.42 16.40
N LEU A 77 1.97 -0.10 15.27
CA LEU A 77 1.78 -1.51 14.93
C LEU A 77 3.08 -2.29 15.02
N SER A 78 3.01 -3.45 15.65
CA SER A 78 4.15 -4.35 15.72
C SER A 78 4.02 -5.51 14.73
N PRO A 79 5.06 -5.74 13.92
CA PRO A 79 5.07 -6.74 12.87
C PRO A 79 5.05 -8.16 13.39
N LYS A 80 4.19 -8.99 12.80
CA LYS A 80 4.23 -10.44 13.02
C LYS A 80 5.37 -11.06 12.22
N PRO A 81 5.91 -12.20 12.69
CA PRO A 81 6.95 -12.86 11.90
C PRO A 81 6.48 -13.19 10.49
N TRP A 82 7.42 -13.20 9.54
CA TRP A 82 7.16 -13.54 8.16
C TRP A 82 6.46 -14.89 8.02
N ILE A 83 5.67 -15.04 6.96
CA ILE A 83 5.05 -16.32 6.62
C ILE A 83 5.34 -16.60 5.14
N PRO A 84 5.35 -17.88 4.73
CA PRO A 84 5.79 -18.24 3.38
C PRO A 84 5.13 -17.45 2.25
N VAL A 85 3.80 -17.37 2.24
CA VAL A 85 3.11 -16.66 1.16
C VAL A 85 3.59 -15.22 1.01
N LEU A 86 3.86 -14.56 2.12
CA LEU A 86 4.36 -13.20 2.09
C LEU A 86 5.81 -13.16 1.65
N GLU A 87 6.60 -14.11 2.13
CA GLU A 87 8.01 -14.21 1.76
C GLU A 87 8.10 -14.39 0.25
N ARG A 88 7.26 -15.28 -0.26
CA ARG A 88 7.15 -15.55 -1.69
C ARG A 88 7.00 -14.27 -2.51
N ILE A 89 6.04 -13.43 -2.14
CA ILE A 89 5.77 -12.19 -2.88
C ILE A 89 6.94 -11.23 -2.76
N ARG A 90 7.38 -10.98 -1.53
CA ARG A 90 8.52 -10.12 -1.27
C ARG A 90 9.71 -10.48 -2.17
N ASP A 91 10.09 -11.75 -2.17
CA ASP A 91 11.26 -12.22 -2.91
C ASP A 91 11.07 -12.06 -4.42
N HIS A 92 9.82 -12.13 -4.87
CA HIS A 92 9.52 -11.93 -6.27
C HIS A 92 9.71 -10.46 -6.65
N VAL A 93 9.19 -9.56 -5.82
CA VAL A 93 9.35 -8.13 -6.01
C VAL A 93 10.82 -7.73 -5.93
N SER A 94 11.54 -8.30 -4.97
CA SER A 94 12.98 -8.08 -4.84
C SER A 94 13.73 -8.48 -6.11
N GLY A 95 13.47 -9.70 -6.56
CA GLY A 95 14.15 -10.26 -7.72
C GLY A 95 13.75 -9.62 -9.04
N VAL A 96 12.85 -8.64 -8.99
CA VAL A 96 12.42 -7.91 -10.18
C VAL A 96 12.83 -6.43 -10.12
N THR A 97 12.96 -5.90 -8.90
CA THR A 97 13.26 -4.48 -8.73
C THR A 97 14.69 -4.23 -8.25
N GLY A 98 15.32 -5.26 -7.69
CA GLY A 98 16.64 -5.14 -7.11
C GLY A 98 16.56 -4.75 -5.64
N GLN A 99 15.50 -4.03 -5.28
CA GLN A 99 15.28 -3.54 -3.92
C GLN A 99 15.05 -4.65 -2.93
N THR A 100 15.38 -4.40 -1.67
CA THR A 100 15.09 -5.31 -0.56
C THR A 100 14.08 -4.66 0.38
N PHE A 101 13.43 -5.48 1.19
CA PHE A 101 12.39 -5.01 2.10
C PHE A 101 12.41 -5.82 3.39
N ASN A 102 12.13 -5.15 4.51
CA ASN A 102 12.10 -5.78 5.82
C ASN A 102 10.76 -5.63 6.53
N PHE A 103 9.76 -5.15 5.78
CA PHE A 103 8.47 -4.80 6.36
C PHE A 103 7.37 -4.70 5.31
N VAL A 104 6.18 -5.19 5.64
CA VAL A 104 5.02 -5.08 4.76
C VAL A 104 3.76 -4.69 5.54
N LEU A 105 3.04 -3.69 5.04
CA LEU A 105 1.73 -3.34 5.58
C LEU A 105 0.66 -3.85 4.63
N ILE A 106 -0.30 -4.55 5.19
CA ILE A 106 -1.35 -5.17 4.41
C ILE A 106 -2.67 -4.48 4.72
N ASN A 107 -3.35 -4.05 3.65
CA ASN A 107 -4.66 -3.41 3.77
C ASN A 107 -5.68 -4.23 3.01
N ARG A 108 -6.76 -4.62 3.69
CA ARG A 108 -7.81 -5.40 3.03
C ARG A 108 -9.13 -4.68 3.02
N TYR A 109 -9.60 -4.38 1.81
CA TYR A 109 -10.85 -3.66 1.64
C TYR A 109 -11.88 -4.68 1.25
N LYS A 110 -12.81 -4.99 2.15
CA LYS A 110 -13.77 -6.06 1.89
C LYS A 110 -14.62 -5.77 0.66
N ASP A 111 -14.75 -4.48 0.33
CA ASP A 111 -15.39 -4.05 -0.90
C ASP A 111 -15.25 -2.55 -1.08
N GLY A 112 -15.89 -2.03 -2.13
CA GLY A 112 -15.83 -0.61 -2.47
C GLY A 112 -16.27 0.36 -1.40
N SER A 113 -16.92 -0.13 -0.34
CA SER A 113 -17.24 0.70 0.83
C SER A 113 -15.99 0.97 1.67
N ASP A 114 -15.12 -0.04 1.79
CA ASP A 114 -13.84 0.13 2.45
C ASP A 114 -12.93 1.00 1.60
N HIS A 115 -12.13 1.83 2.26
CA HIS A 115 -11.30 2.82 1.59
C HIS A 115 -10.14 3.27 2.49
N ILE A 116 -9.27 4.11 1.95
CA ILE A 116 -8.30 4.82 2.77
C ILE A 116 -8.29 6.30 2.35
N CYS A 117 -8.46 7.19 3.33
CA CYS A 117 -8.46 8.62 3.04
C CYS A 117 -7.07 9.07 2.65
N GLU A 118 -6.96 10.23 2.00
CA GLU A 118 -5.67 10.61 1.44
C GLU A 118 -4.66 11.02 2.50
N HIS A 119 -3.40 10.72 2.21
CA HIS A 119 -2.32 10.88 3.16
C HIS A 119 -1.01 10.79 2.42
N ARG A 120 0.08 11.04 3.13
CA ARG A 120 1.41 10.70 2.66
C ARG A 120 1.96 9.62 3.57
N ASP A 121 2.51 8.56 2.98
CA ASP A 121 3.18 7.50 3.74
C ASP A 121 4.43 8.18 4.28
N ASP A 122 4.32 8.70 5.50
CA ASP A 122 5.16 9.83 5.88
C ASP A 122 6.44 9.50 6.66
N GLU A 123 6.27 8.71 7.71
CA GLU A 123 7.18 8.70 8.86
C GLU A 123 8.67 8.60 8.54
N ARG A 124 9.50 9.26 9.37
CA ARG A 124 10.95 9.25 9.15
C ARG A 124 11.59 7.92 9.61
N GLU A 125 10.81 7.04 10.24
CA GLU A 125 11.30 5.69 10.54
C GLU A 125 11.55 4.86 9.28
N LEU A 126 11.39 5.50 8.13
CA LEU A 126 11.46 4.86 6.82
C LEU A 126 12.76 5.26 6.12
N ALA A 127 13.57 4.27 5.74
CA ALA A 127 14.84 4.53 5.07
C ALA A 127 14.70 5.61 3.99
N PRO A 128 15.46 6.71 4.11
CA PRO A 128 15.33 7.82 3.17
C PRO A 128 15.84 7.45 1.78
N GLY A 129 15.08 7.86 0.75
CA GLY A 129 15.43 7.57 -0.63
C GLY A 129 14.83 6.27 -1.15
N SER A 130 14.51 5.36 -0.23
CA SER A 130 13.99 4.04 -0.58
C SER A 130 12.59 4.09 -1.19
N PRO A 131 12.29 3.17 -2.12
CA PRO A 131 10.96 3.12 -2.73
C PRO A 131 9.95 2.30 -1.92
N ILE A 132 8.69 2.41 -2.30
CA ILE A 132 7.60 1.67 -1.69
C ILE A 132 6.96 0.77 -2.74
N ALA A 133 6.82 -0.52 -2.44
CA ALA A 133 6.29 -1.50 -3.39
C ALA A 133 4.87 -1.91 -3.03
N SER A 134 3.93 -1.55 -3.90
CA SER A 134 2.51 -1.77 -3.64
C SER A 134 1.97 -2.87 -4.56
N VAL A 135 1.68 -4.03 -3.98
CA VAL A 135 1.20 -5.19 -4.73
C VAL A 135 -0.27 -5.47 -4.42
N SER A 136 -1.11 -5.57 -5.45
CA SER A 136 -2.55 -5.68 -5.26
C SER A 136 -3.13 -6.99 -5.74
N PHE A 137 -4.00 -7.58 -4.94
CA PHE A 137 -4.70 -8.80 -5.32
C PHE A 137 -6.21 -8.63 -5.16
N GLY A 138 -6.98 -9.35 -5.99
CA GLY A 138 -8.43 -9.30 -5.96
C GLY A 138 -9.00 -8.24 -6.88
N ALA A 139 -10.03 -7.54 -6.42
CA ALA A 139 -10.72 -6.55 -7.24
C ALA A 139 -9.80 -5.40 -7.63
N SER A 140 -9.94 -4.95 -8.87
CA SER A 140 -9.31 -3.71 -9.31
C SER A 140 -9.94 -2.56 -8.52
N ARG A 141 -9.12 -1.63 -8.06
CA ARG A 141 -9.62 -0.45 -7.34
C ARG A 141 -8.89 0.78 -7.80
N ASP A 142 -9.62 1.88 -7.97
CA ASP A 142 -9.02 3.14 -8.39
C ASP A 142 -8.13 3.72 -7.31
N PHE A 143 -6.88 3.99 -7.68
CA PHE A 143 -5.90 4.63 -6.83
C PHE A 143 -5.66 6.03 -7.35
N VAL A 144 -5.58 7.01 -6.45
CA VAL A 144 -5.54 8.41 -6.86
C VAL A 144 -4.37 9.17 -6.22
N PHE A 145 -3.58 9.84 -7.07
CA PHE A 145 -2.53 10.76 -6.64
C PHE A 145 -3.03 12.19 -6.74
N ARG A 146 -2.54 13.05 -5.86
CA ARG A 146 -2.91 14.47 -5.86
C ARG A 146 -1.79 15.32 -5.27
N HIS A 147 -1.48 16.44 -5.93
CA HIS A 147 -0.33 17.27 -5.55
C HIS A 147 -0.55 18.00 -4.23
N LYS A 148 0.52 18.17 -3.45
CA LYS A 148 0.43 18.76 -2.11
C LYS A 148 -0.20 20.16 -2.08
N ASP A 149 0.37 21.09 -2.85
CA ASP A 149 -0.12 22.47 -2.88
C ASP A 149 -1.31 22.71 -3.82
N SER A 150 -1.96 21.63 -4.23
CA SER A 150 -3.10 21.71 -5.17
C SER A 150 -4.46 21.72 -4.46
N ARG A 151 -4.44 21.87 -3.12
CA ARG A 151 -5.65 22.05 -2.29
C ARG A 151 -5.33 22.44 -0.84
N PRO A 155 -5.40 26.01 -2.97
CA PRO A 155 -4.83 25.57 -4.26
C PRO A 155 -4.10 26.71 -4.99
N SER A 156 -2.79 26.86 -4.75
CA SER A 156 -2.00 27.96 -5.31
C SER A 156 -1.50 27.94 -6.76
N ARG A 157 -0.76 26.89 -7.13
CA ARG A 157 -0.53 26.46 -8.51
C ARG A 157 -0.93 24.99 -8.64
N ARG A 158 -1.74 24.69 -9.64
CA ARG A 158 -2.58 23.49 -9.62
C ARG A 158 -2.26 22.42 -10.68
N VAL A 159 -1.49 21.41 -10.25
CA VAL A 159 -1.11 20.26 -11.06
C VAL A 159 -2.25 19.24 -11.08
N ALA A 160 -2.41 18.56 -12.21
CA ALA A 160 -3.52 17.63 -12.42
C ALA A 160 -3.41 16.34 -11.61
N VAL A 161 -4.52 15.99 -10.96
CA VAL A 161 -4.71 14.70 -10.30
C VAL A 161 -4.42 13.52 -11.25
N VAL A 162 -3.82 12.45 -10.72
CA VAL A 162 -3.46 11.28 -11.53
C VAL A 162 -4.23 10.01 -11.07
N ARG A 163 -5.15 9.56 -11.92
CA ARG A 163 -6.00 8.40 -11.65
C ARG A 163 -5.43 7.15 -12.28
N LEU A 164 -5.57 6.02 -11.59
CA LEU A 164 -4.87 4.81 -11.95
C LEU A 164 -5.63 3.61 -11.39
N PRO A 165 -5.97 2.63 -12.25
CA PRO A 165 -6.57 1.41 -11.72
C PRO A 165 -5.48 0.42 -11.33
N LEU A 166 -5.59 -0.15 -10.14
CA LEU A 166 -4.65 -1.15 -9.68
C LEU A 166 -5.27 -2.53 -9.78
N ALA A 167 -4.71 -3.36 -10.65
CA ALA A 167 -5.36 -4.61 -11.03
C ALA A 167 -4.93 -5.81 -10.20
N HIS A 168 -5.66 -6.91 -10.36
CA HIS A 168 -5.29 -8.21 -9.82
C HIS A 168 -3.85 -8.56 -10.21
N GLY A 169 -3.02 -8.81 -9.20
CA GLY A 169 -1.63 -9.24 -9.43
C GLY A 169 -0.67 -8.16 -9.89
N SER A 170 -1.03 -6.90 -9.67
CA SER A 170 -0.22 -5.78 -10.17
C SER A 170 0.72 -5.23 -9.12
N LEU A 171 1.73 -4.49 -9.59
CA LEU A 171 2.71 -3.88 -8.72
C LEU A 171 2.81 -2.42 -9.05
N LEU A 172 2.64 -1.57 -8.05
CA LEU A 172 2.89 -0.15 -8.18
C LEU A 172 4.14 0.19 -7.39
N MET A 173 5.10 0.80 -8.06
CA MET A 173 6.31 1.27 -7.38
C MET A 173 6.24 2.77 -7.15
N MET A 174 6.40 3.17 -5.90
CA MET A 174 6.42 4.58 -5.53
C MET A 174 7.83 5.01 -5.15
N ASN A 175 8.57 5.50 -6.15
CA ASN A 175 9.96 5.93 -5.97
C ASN A 175 10.07 7.33 -5.35
N HIS A 176 11.16 7.58 -4.64
CA HIS A 176 11.49 8.93 -4.17
C HIS A 176 11.63 9.85 -5.40
N PRO A 177 11.12 11.11 -5.32
CA PRO A 177 10.60 11.87 -4.17
C PRO A 177 9.06 11.88 -4.04
N THR A 178 8.39 11.03 -4.81
CA THR A 178 6.92 10.97 -4.88
C THR A 178 6.25 11.33 -3.55
N ASN A 179 6.69 10.67 -2.49
CA ASN A 179 6.00 10.77 -1.21
C ASN A 179 6.24 12.06 -0.40
N THR A 180 7.14 12.91 -0.87
CA THR A 180 7.29 14.24 -0.27
C THR A 180 6.31 15.23 -0.91
N HIS A 181 6.01 15.01 -2.19
CA HIS A 181 5.27 15.99 -2.99
C HIS A 181 3.76 15.69 -3.19
N TRP A 182 3.41 14.41 -3.27
CA TRP A 182 2.03 14.00 -3.62
C TRP A 182 1.31 13.22 -2.53
N TYR A 183 -0.02 13.42 -2.46
CA TYR A 183 -0.90 12.64 -1.59
C TYR A 183 -1.52 11.49 -2.37
N HIS A 184 -1.90 10.43 -1.67
CA HIS A 184 -2.59 9.33 -2.32
C HIS A 184 -3.76 8.81 -1.49
N SER A 185 -4.79 8.34 -2.18
CA SER A 185 -5.95 7.76 -1.54
C SER A 185 -6.45 6.58 -2.35
N LEU A 186 -7.24 5.73 -1.72
CA LEU A 186 -8.01 4.73 -2.44
C LEU A 186 -9.46 5.03 -2.14
N PRO A 187 -10.11 5.81 -3.01
CA PRO A 187 -11.44 6.33 -2.74
C PRO A 187 -12.55 5.28 -2.74
N VAL A 188 -13.68 5.62 -2.12
CA VAL A 188 -14.87 4.79 -2.15
C VAL A 188 -15.33 4.54 -3.59
N ARG A 189 -15.72 3.30 -3.89
CA ARG A 189 -16.32 2.93 -5.17
C ARG A 189 -17.40 1.91 -4.76
N LYS A 190 -18.66 2.35 -4.73
CA LYS A 190 -19.78 1.50 -4.29
C LYS A 190 -20.12 0.36 -5.26
N LYS A 191 -19.80 0.53 -6.54
CA LYS A 191 -20.03 -0.52 -7.54
C LYS A 191 -19.18 -1.78 -7.27
N VAL A 192 -18.12 -1.64 -6.47
CA VAL A 192 -17.20 -2.75 -6.23
C VAL A 192 -17.67 -3.62 -5.05
N LEU A 193 -17.93 -4.90 -5.36
CA LEU A 193 -18.56 -5.81 -4.40
C LEU A 193 -17.59 -6.83 -3.81
N ALA A 194 -16.49 -7.07 -4.51
CA ALA A 194 -15.53 -8.10 -4.11
C ALA A 194 -14.36 -7.51 -3.31
N PRO A 195 -13.72 -8.36 -2.47
CA PRO A 195 -12.59 -7.90 -1.64
C PRO A 195 -11.35 -7.58 -2.47
N ARG A 196 -10.41 -6.87 -1.85
CA ARG A 196 -9.10 -6.59 -2.42
C ARG A 196 -8.06 -6.52 -1.31
N VAL A 197 -6.90 -7.13 -1.54
CA VAL A 197 -5.82 -7.11 -0.56
C VAL A 197 -4.61 -6.40 -1.16
N ASN A 198 -4.12 -5.37 -0.46
CA ASN A 198 -2.94 -4.63 -0.89
C ASN A 198 -1.77 -4.82 0.05
N LEU A 199 -0.60 -5.07 -0.52
CA LEU A 199 0.62 -5.27 0.26
C LEU A 199 1.64 -4.21 -0.13
N THR A 200 1.87 -3.27 0.76
CA THR A 200 2.83 -2.23 0.51
C THR A 200 4.09 -2.58 1.27
N PHE A 201 5.15 -2.87 0.52
CA PHE A 201 6.43 -3.25 1.10
C PHE A 201 7.31 -2.03 1.29
N ARG A 202 7.97 -1.97 2.44
CA ARG A 202 8.81 -0.82 2.79
C ARG A 202 10.12 -1.27 3.42
N LYS A 203 11.05 -0.33 3.54
CA LYS A 203 12.34 -0.55 4.21
C LYS A 203 12.38 0.31 5.48
N ILE A 204 12.31 -0.33 6.64
CA ILE A 204 12.25 0.36 7.94
C ILE A 204 13.62 0.45 8.60
N LEU A 205 13.87 1.55 9.32
CA LEU A 205 15.12 1.74 10.08
C LEU A 205 15.11 1.01 11.42
N LEU A 206 16.26 0.46 11.81
CA LEU A 206 16.41 -0.18 13.12
C LEU A 206 16.76 0.85 14.20
P EDA B 7 -3.28 11.52 8.93
OP1 EDA B 7 -2.54 11.06 10.16
OP2 EDA B 7 -2.52 11.71 7.64
O5' EDA B 7 -4.51 10.51 8.67
N9 EDA B 7 -2.69 7.53 6.85
C4 EDA B 7 -1.99 6.47 6.45
N3 EDA B 7 -2.24 5.26 5.90
C2 EDA B 7 -1.24 4.39 5.65
N1 EDA B 7 0.05 4.70 5.93
C6 EDA B 7 0.31 5.88 6.47
C10 EDA B 7 1.23 4.09 5.80
C11 EDA B 7 2.20 4.97 6.29
N6 EDA B 7 1.60 6.11 6.72
C5 EDA B 7 -0.70 6.78 6.74
N7 EDA B 7 -0.55 7.98 7.28
C8 EDA B 7 -1.83 8.46 7.34
C2' EDA B 7 -4.97 7.48 7.96
C5' EDA B 7 -5.47 10.76 7.64
C4' EDA B 7 -5.67 9.49 6.83
O4' EDA B 7 -4.43 9.02 6.28
C1' EDA B 7 -4.15 7.69 6.70
C3' EDA B 7 -6.18 8.33 7.65
O3' EDA B 7 -7.00 7.61 6.73
MN MN D . -0.44 4.79 1.87
C1 AKG E . -0.94 2.00 2.21
O1 AKG E . -0.64 0.78 2.31
O2 AKG E . -0.43 2.89 2.95
C2 AKG E . -1.90 2.42 1.21
O5 AKG E . -1.93 3.58 0.84
C3 AKG E . -2.86 1.42 0.63
C4 AKG E . -2.42 1.13 -0.80
C5 AKG E . -3.56 0.53 -1.59
O3 AKG E . -4.60 0.18 -0.99
O4 AKG E . -3.41 0.40 -2.82
CA XL3 F . -13.22 12.92 3.68
CB XL3 F . -11.69 12.98 3.66
CC XL3 F . -11.13 11.80 2.84
SG XL3 F . -11.91 10.20 3.28
#